data_4M5E
#
_entry.id   4M5E
#
_cell.length_a   166.995
_cell.length_b   70.128
_cell.length_c   41.940
_cell.angle_alpha   90.00
_cell.angle_beta   90.52
_cell.angle_gamma   90.00
#
_symmetry.space_group_name_H-M   'C 1 2 1'
#
loop_
_entity.id
_entity.type
_entity.pdbx_description
1 polymer 'Uncharacterized protein'
2 non-polymer GLYCEROL
3 non-polymer 'CADMIUM ION'
4 non-polymer 'CALCIUM ION'
5 water water
#
_entity_poly.entity_id   1
_entity_poly.type   'polypeptide(L)'
_entity_poly.pdbx_seq_one_letter_code
;MTATSDLIESLISYSWDDWQVTRQEARRVIAAIRNDNVPDATIAALDKSGSLIKLFQRVGPPELARSLIASIAGRTTMQR
YQARNALIRSLINNPLGTQTDNWIYFPTITFFDICADLADAAGRLGFAAAGATGVASQAIQGPFSGVGATGVNPTDLPSI
AFGDQLKLLNKDPATVTKYSNPLGDLGAYLSQLSPQDKLNQAQTLVGQPISTLFPDAYPGNPPSRAKVMSAAARKYDLTP
QLIGAIILAEQRDQTRDEDAKDYQAAVSIKSANTSIGLGQVVVSTAIKYELFTDLLGQPVRRGLSRKAVATLLASDEFNI
FATARYIRYVANLASQQDLRKLPKTRGAFPSIDLRAYAGNPRNWPRDNVRALASEYTSRPWDDNLSPGWPMFVDDAYATF
LDLEHHHHHH
;
_entity_poly.pdbx_strand_id   A
#
loop_
_chem_comp.id
_chem_comp.type
_chem_comp.name
_chem_comp.formula
CA non-polymer 'CALCIUM ION' 'Ca 2'
CD non-polymer 'CADMIUM ION' 'Cd 2'
GOL non-polymer GLYCEROL 'C3 H8 O3'
#
# COMPACT_ATOMS: atom_id res chain seq x y z
N THR A 2 10.57 27.51 19.61
CA THR A 2 10.20 26.39 20.46
C THR A 2 11.45 25.64 20.91
N ALA A 3 11.30 24.74 21.87
CA ALA A 3 12.42 23.94 22.34
C ALA A 3 12.98 23.14 21.16
N THR A 4 12.10 22.70 20.27
CA THR A 4 12.52 21.91 19.12
C THR A 4 13.27 22.75 18.09
N SER A 5 12.77 23.95 17.79
CA SER A 5 13.48 24.79 16.83
C SER A 5 14.84 25.19 17.40
N ASP A 6 14.90 25.42 18.72
CA ASP A 6 16.17 25.77 19.37
C ASP A 6 17.21 24.69 19.08
N LEU A 7 16.82 23.43 19.29
CA LEU A 7 17.70 22.30 19.12
C LEU A 7 18.08 22.13 17.64
N ILE A 8 17.10 22.22 16.76
CA ILE A 8 17.37 22.05 15.33
C ILE A 8 18.34 23.11 14.83
N GLU A 9 18.14 24.37 15.22
CA GLU A 9 19.06 25.42 14.81
C GLU A 9 20.48 25.09 15.24
N SER A 10 20.64 24.56 16.46
CA SER A 10 21.96 24.17 16.91
C SER A 10 22.53 23.02 16.09
N LEU A 11 21.72 21.98 15.89
CA LEU A 11 22.17 20.79 15.16
C LEU A 11 22.63 21.04 13.74
N ILE A 12 22.02 21.99 13.04
CA ILE A 12 22.38 22.22 11.64
C ILE A 12 23.41 23.34 11.47
N SER A 13 23.84 23.94 12.57
CA SER A 13 24.78 25.06 12.48
C SER A 13 26.23 24.63 12.25
N TYR A 14 27.07 25.56 11.81
CA TYR A 14 28.49 25.27 11.62
C TYR A 14 29.36 26.04 12.64
N SER A 15 30.62 25.63 12.82
CA SER A 15 31.51 26.25 13.82
C SER A 15 32.99 26.25 13.41
N TRP A 16 33.89 26.53 14.37
CA TRP A 16 35.33 26.43 14.12
C TRP A 16 35.61 25.05 13.61
N ASP A 17 35.21 24.07 14.42
CA ASP A 17 35.02 22.71 13.96
C ASP A 17 33.66 22.73 13.29
N ASP A 18 33.11 21.56 13.06
CA ASP A 18 31.77 21.45 12.52
C ASP A 18 31.42 22.16 11.20
N TRP A 19 31.88 21.55 10.13
CA TRP A 19 31.65 22.05 8.78
C TRP A 19 30.64 21.22 8.01
N GLN A 20 29.85 20.43 8.71
CA GLN A 20 28.87 19.60 8.03
C GLN A 20 27.76 19.15 8.97
N VAL A 21 26.59 18.95 8.41
CA VAL A 21 25.51 18.29 9.13
C VAL A 21 25.67 16.79 8.89
N THR A 22 26.10 16.07 9.91
CA THR A 22 26.42 14.67 9.77
C THR A 22 25.15 13.85 9.72
N ARG A 23 25.29 12.58 9.36
CA ARG A 23 24.14 11.69 9.36
C ARG A 23 23.54 11.60 10.76
N GLN A 24 24.37 11.60 11.79
CA GLN A 24 23.80 11.52 13.13
C GLN A 24 23.07 12.80 13.56
N GLU A 25 23.61 13.97 13.19
CA GLU A 25 22.92 15.21 13.46
C GLU A 25 21.57 15.24 12.72
N ALA A 26 21.57 14.81 11.46
CA ALA A 26 20.32 14.74 10.71
C ALA A 26 19.31 13.81 11.38
N ARG A 27 19.78 12.66 11.85
CA ARG A 27 18.89 11.74 12.54
C ARG A 27 18.31 12.41 13.79
N ARG A 28 19.12 13.19 14.50
CA ARG A 28 18.62 13.88 15.69
C ARG A 28 17.59 14.93 15.32
N VAL A 29 17.81 15.63 14.22
CA VAL A 29 16.84 16.60 13.74
C VAL A 29 15.51 15.93 13.43
N ILE A 30 15.58 14.83 12.68
CA ILE A 30 14.38 14.10 12.32
C ILE A 30 13.64 13.62 13.56
N ALA A 31 14.37 13.03 14.51
CA ALA A 31 13.72 12.58 15.75
C ALA A 31 13.09 13.74 16.52
N ALA A 32 13.76 14.89 16.52
CA ALA A 32 13.21 16.05 17.21
C ALA A 32 11.90 16.50 16.56
N ILE A 33 11.86 16.52 15.23
CA ILE A 33 10.64 16.89 14.51
C ILE A 33 9.50 15.93 14.88
N ARG A 34 9.81 14.65 14.92
CA ARG A 34 8.79 13.64 15.17
C ARG A 34 8.31 13.63 16.63
N ASN A 35 9.18 14.06 17.54
CA ASN A 35 8.86 14.06 18.98
C ASN A 35 8.18 15.36 19.43
N ASP A 36 8.12 16.33 18.52
CA ASP A 36 7.69 17.70 18.80
C ASP A 36 6.19 17.79 19.10
N ASN A 37 5.83 18.47 20.18
CA ASN A 37 4.41 18.67 20.51
C ASN A 37 3.79 19.90 19.84
N VAL A 38 4.62 20.77 19.28
CA VAL A 38 4.14 21.96 18.61
C VAL A 38 4.78 22.14 17.22
N PRO A 39 4.53 21.19 16.31
CA PRO A 39 5.25 21.23 15.03
C PRO A 39 5.02 22.48 14.17
N ASP A 40 3.81 23.02 14.13
CA ASP A 40 3.58 24.22 13.34
C ASP A 40 4.40 25.39 13.88
N ALA A 41 4.40 25.54 15.20
CA ALA A 41 5.16 26.60 15.86
C ALA A 41 6.65 26.46 15.55
N THR A 42 7.12 25.21 15.53
CA THR A 42 8.53 24.96 15.24
C THR A 42 8.90 25.38 13.82
N ILE A 43 8.06 25.01 12.86
CA ILE A 43 8.30 25.40 11.47
C ILE A 43 8.24 26.92 11.30
N ALA A 44 7.27 27.57 11.93
CA ALA A 44 7.18 29.02 11.91
C ALA A 44 8.46 29.67 12.41
N ALA A 45 8.99 29.16 13.52
CA ALA A 45 10.20 29.71 14.12
C ALA A 45 11.41 29.53 13.22
N LEU A 46 11.55 28.35 12.63
CA LEU A 46 12.65 28.08 11.72
C LEU A 46 12.60 28.98 10.49
N ASP A 47 11.41 29.18 9.96
CA ASP A 47 11.24 30.04 8.79
C ASP A 47 11.59 31.47 9.14
N LYS A 48 11.12 31.94 10.29
CA LYS A 48 11.38 33.32 10.70
C LYS A 48 12.88 33.61 10.86
N SER A 49 13.66 32.61 11.25
CA SER A 49 15.09 32.78 11.49
C SER A 49 15.92 32.50 10.24
N GLY A 50 15.25 32.19 9.14
CA GLY A 50 15.91 31.83 7.90
C GLY A 50 16.56 30.46 7.94
N SER A 51 16.15 29.63 8.90
CA SER A 51 16.78 28.31 9.10
C SER A 51 16.05 27.18 8.39
N LEU A 52 14.85 27.45 7.90
CA LEU A 52 14.06 26.39 7.26
C LEU A 52 14.68 25.94 5.94
N ILE A 53 15.02 26.89 5.08
CA ILE A 53 15.66 26.53 3.80
C ILE A 53 17.00 25.82 4.05
N LYS A 54 17.75 26.32 5.03
CA LYS A 54 19.03 25.71 5.41
C LYS A 54 18.84 24.28 5.87
N LEU A 55 17.78 24.03 6.63
CA LEU A 55 17.46 22.68 7.09
C LEU A 55 17.33 21.73 5.92
N PHE A 56 16.54 22.12 4.92
CA PHE A 56 16.30 21.24 3.78
C PHE A 56 17.58 21.06 2.96
N GLN A 57 18.36 22.12 2.81
CA GLN A 57 19.58 22.03 2.01
C GLN A 57 20.66 21.18 2.66
N ARG A 58 20.71 21.21 3.99
CA ARG A 58 21.85 20.64 4.73
C ARG A 58 21.67 19.19 5.11
N VAL A 59 20.44 18.71 5.05
CA VAL A 59 20.19 17.29 5.30
C VAL A 59 20.30 16.55 3.96
N GLY A 60 21.47 15.95 3.74
CA GLY A 60 21.91 15.60 2.40
C GLY A 60 21.53 14.25 1.82
N PRO A 61 21.87 13.17 2.53
CA PRO A 61 21.64 11.86 1.89
C PRO A 61 20.15 11.71 1.62
N PRO A 62 19.78 11.28 0.42
CA PRO A 62 18.35 11.14 0.09
C PRO A 62 17.56 10.34 1.12
N GLU A 63 18.12 9.30 1.72
CA GLU A 63 17.34 8.52 2.66
C GLU A 63 16.95 9.37 3.87
N LEU A 64 17.82 10.29 4.26
CA LEU A 64 17.51 11.15 5.39
C LEU A 64 16.64 12.33 4.97
N ALA A 65 16.86 12.85 3.76
CA ALA A 65 15.97 13.85 3.20
C ALA A 65 14.52 13.34 3.16
N ARG A 66 14.33 12.09 2.75
CA ARG A 66 13.00 11.50 2.73
C ARG A 66 12.36 11.51 4.12
N SER A 67 13.11 11.05 5.12
CA SER A 67 12.60 11.03 6.49
C SER A 67 12.23 12.42 6.98
N LEU A 68 13.12 13.38 6.72
CA LEU A 68 12.90 14.77 7.11
C LEU A 68 11.65 15.35 6.46
N ILE A 69 11.55 15.20 5.14
CA ILE A 69 10.47 15.80 4.39
C ILE A 69 9.14 15.13 4.71
N ALA A 70 9.15 13.80 4.78
CA ALA A 70 7.93 13.08 5.13
C ALA A 70 7.45 13.49 6.53
N SER A 71 8.39 13.62 7.47
CA SER A 71 8.04 14.00 8.83
C SER A 71 7.45 15.41 8.89
N ILE A 72 8.09 16.36 8.23
CA ILE A 72 7.61 17.72 8.25
C ILE A 72 6.26 17.84 7.53
N ALA A 73 6.14 17.22 6.37
CA ALA A 73 4.86 17.24 5.65
C ALA A 73 3.76 16.61 6.51
N GLY A 74 4.10 15.52 7.19
CA GLY A 74 3.13 14.80 7.99
C GLY A 74 2.64 15.57 9.21
N ARG A 75 3.55 16.31 9.85
CA ARG A 75 3.26 16.95 11.14
C ARG A 75 2.65 18.36 10.98
N THR A 76 2.79 18.96 9.81
CA THR A 76 2.36 20.35 9.63
C THR A 76 0.90 20.48 9.22
N THR A 77 0.30 21.59 9.61
CA THR A 77 -1.04 21.96 9.19
C THR A 77 -1.04 23.39 8.66
N MET A 78 -1.01 24.34 9.58
CA MET A 78 -1.06 25.75 9.22
C MET A 78 0.22 26.24 8.56
N GLN A 79 1.34 25.55 8.81
CA GLN A 79 2.63 25.94 8.25
C GLN A 79 3.03 25.05 7.07
N ARG A 80 2.10 24.22 6.63
CA ARG A 80 2.25 23.34 5.47
C ARG A 80 2.87 24.10 4.27
N TYR A 81 2.27 25.23 3.92
CA TYR A 81 2.72 26.00 2.75
C TYR A 81 4.11 26.59 2.92
N GLN A 82 4.42 27.07 4.12
CA GLN A 82 5.75 27.61 4.41
C GLN A 82 6.82 26.53 4.23
N ALA A 83 6.54 25.34 4.75
CA ALA A 83 7.49 24.24 4.60
C ALA A 83 7.69 23.89 3.12
N ARG A 84 6.58 23.81 2.38
CA ARG A 84 6.63 23.43 0.97
C ARG A 84 7.45 24.47 0.19
N ASN A 85 7.16 25.74 0.45
CA ASN A 85 7.87 26.83 -0.22
C ASN A 85 9.37 26.80 0.09
N ALA A 86 9.72 26.53 1.34
CA ALA A 86 11.14 26.47 1.71
C ALA A 86 11.81 25.29 1.05
N LEU A 87 11.10 24.16 0.97
CA LEU A 87 11.64 23.00 0.27
C LEU A 87 11.90 23.34 -1.19
N ILE A 88 10.92 23.97 -1.85
CA ILE A 88 11.12 24.37 -3.23
C ILE A 88 12.35 25.27 -3.41
N ARG A 89 12.49 26.27 -2.56
CA ARG A 89 13.63 27.20 -2.68
C ARG A 89 14.93 26.44 -2.45
N SER A 90 14.88 25.43 -1.59
CA SER A 90 16.10 24.70 -1.21
C SER A 90 16.67 23.89 -2.36
N LEU A 91 15.84 23.57 -3.35
CA LEU A 91 16.24 22.70 -4.47
C LEU A 91 16.91 23.46 -5.61
N ILE A 92 17.13 24.76 -5.43
CA ILE A 92 17.68 25.58 -6.52
C ILE A 92 19.04 25.09 -7.02
N ASN A 93 19.86 24.48 -6.17
CA ASN A 93 21.13 23.93 -6.66
C ASN A 93 21.02 22.49 -7.17
N ASN A 94 19.80 22.10 -7.53
CA ASN A 94 19.53 20.85 -8.25
C ASN A 94 19.97 19.57 -7.57
N PRO A 95 19.64 19.40 -6.27
CA PRO A 95 20.00 18.16 -5.59
C PRO A 95 19.21 16.98 -6.15
N LEU A 96 19.65 15.76 -5.85
CA LEU A 96 18.85 14.60 -6.18
C LEU A 96 17.55 14.68 -5.39
N GLY A 97 17.63 15.34 -4.24
CA GLY A 97 16.51 15.41 -3.34
C GLY A 97 16.17 14.04 -2.82
N THR A 98 14.93 13.64 -3.03
CA THR A 98 14.46 12.37 -2.54
C THR A 98 14.32 11.36 -3.68
N GLN A 99 14.65 11.78 -4.90
CA GLN A 99 14.34 10.95 -6.07
C GLN A 99 15.44 9.93 -6.38
N THR A 100 15.57 8.95 -5.49
CA THR A 100 16.54 7.87 -5.66
C THR A 100 15.96 6.56 -5.18
N ASP A 101 16.62 5.47 -5.53
CA ASP A 101 16.24 4.14 -5.03
C ASP A 101 14.78 3.83 -5.28
N ASN A 102 14.08 3.37 -4.25
CA ASN A 102 12.69 2.97 -4.40
C ASN A 102 11.81 4.14 -4.84
N TRP A 103 12.31 5.37 -4.67
CA TRP A 103 11.52 6.57 -4.88
C TRP A 103 11.95 7.34 -6.13
N ILE A 104 12.60 6.64 -7.04
CA ILE A 104 13.14 7.29 -8.23
C ILE A 104 12.04 7.78 -9.20
N TYR A 105 10.81 7.32 -8.97
CA TYR A 105 9.69 7.73 -9.81
C TYR A 105 8.88 8.88 -9.25
N PHE A 106 9.35 9.44 -8.12
CA PHE A 106 8.68 10.59 -7.52
C PHE A 106 9.63 11.79 -7.45
N PRO A 107 9.31 12.86 -8.19
CA PRO A 107 10.08 14.10 -8.00
C PRO A 107 9.98 14.53 -6.55
N THR A 108 10.98 15.27 -6.07
CA THR A 108 11.03 15.64 -4.67
C THR A 108 9.78 16.38 -4.18
N ILE A 109 9.28 17.34 -4.95
CA ILE A 109 8.08 18.06 -4.52
C ILE A 109 6.85 17.13 -4.53
N THR A 110 6.82 16.18 -5.45
CA THR A 110 5.77 15.17 -5.48
C THR A 110 5.85 14.29 -4.23
N PHE A 111 7.07 13.94 -3.82
CA PHE A 111 7.25 13.19 -2.58
C PHE A 111 6.65 13.95 -1.39
N PHE A 112 6.96 15.24 -1.26
CA PHE A 112 6.35 16.06 -0.22
C PHE A 112 4.82 16.02 -0.31
N ASP A 113 4.30 16.22 -1.53
CA ASP A 113 2.85 16.31 -1.73
C ASP A 113 2.15 14.98 -1.42
N ILE A 114 2.80 13.87 -1.75
CA ILE A 114 2.25 12.55 -1.43
C ILE A 114 2.18 12.40 0.08
N CYS A 115 3.24 12.79 0.78
CA CYS A 115 3.28 12.64 2.23
C CYS A 115 2.24 13.53 2.90
N ALA A 116 2.05 14.74 2.38
CA ALA A 116 1.06 15.66 2.91
C ALA A 116 -0.36 15.09 2.73
N ASP A 117 -0.64 14.59 1.54
CA ASP A 117 -1.96 14.03 1.25
C ASP A 117 -2.21 12.77 2.05
N LEU A 118 -1.19 11.94 2.17
CA LEU A 118 -1.32 10.69 2.90
C LEU A 118 -1.55 10.93 4.39
N ALA A 119 -0.76 11.84 4.97
CA ALA A 119 -0.94 12.16 6.39
C ALA A 119 -2.35 12.70 6.62
N ASP A 120 -2.81 13.57 5.73
CA ASP A 120 -4.13 14.16 5.87
C ASP A 120 -5.22 13.09 5.76
N ALA A 121 -5.06 12.20 4.78
CA ALA A 121 -6.00 11.08 4.60
C ALA A 121 -6.00 10.18 5.82
N ALA A 122 -4.81 9.85 6.32
CA ALA A 122 -4.69 8.99 7.49
C ALA A 122 -5.41 9.60 8.70
N GLY A 123 -5.26 10.91 8.85
CA GLY A 123 -5.94 11.59 9.94
C GLY A 123 -7.45 11.59 9.76
N ARG A 124 -7.90 11.96 8.57
CA ARG A 124 -9.32 12.11 8.26
C ARG A 124 -10.05 10.76 8.32
N LEU A 125 -9.41 9.72 7.79
CA LEU A 125 -10.05 8.41 7.64
C LEU A 125 -9.74 7.46 8.78
N GLY A 126 -8.88 7.88 9.69
CA GLY A 126 -8.66 7.11 10.91
C GLY A 126 -7.68 5.96 10.87
N PHE A 127 -6.59 6.13 10.14
CA PHE A 127 -5.53 5.12 10.16
C PHE A 127 -4.14 5.72 10.43
N ALA A 128 -4.10 6.84 11.15
CA ALA A 128 -2.82 7.45 11.49
C ALA A 128 -2.14 6.73 12.66
N ALA A 129 -2.93 6.20 13.59
CA ALA A 129 -2.41 5.64 14.84
C ALA A 129 -1.58 4.37 14.69
N ALA A 130 -0.48 4.29 15.44
CA ALA A 130 0.49 3.20 15.32
C ALA A 130 -0.04 1.83 15.72
N GLY A 131 0.36 0.82 14.96
CA GLY A 131 0.04 -0.56 15.29
C GLY A 131 1.16 -1.25 16.05
N ALA A 132 0.85 -2.38 16.67
CA ALA A 132 1.84 -3.15 17.40
C ALA A 132 2.78 -3.83 16.43
N THR A 133 3.94 -4.29 16.91
CA THR A 133 4.80 -5.09 16.07
C THR A 133 4.29 -6.53 16.05
N GLY A 134 3.09 -6.71 15.52
CA GLY A 134 2.55 -8.04 15.28
C GLY A 134 3.52 -8.76 14.38
N VAL A 135 3.75 -10.05 14.63
CA VAL A 135 4.84 -10.77 13.98
C VAL A 135 4.53 -11.21 12.54
N ALA A 136 5.50 -11.02 11.67
CA ALA A 136 5.39 -11.44 10.29
C ALA A 136 5.95 -12.85 10.11
N SER A 137 5.56 -13.49 9.02
CA SER A 137 6.13 -14.79 8.66
C SER A 137 7.59 -14.65 8.22
N GLN A 138 8.39 -15.67 8.49
CA GLN A 138 9.80 -15.70 8.08
C GLN A 138 9.98 -16.47 6.77
N ALA A 139 8.88 -16.91 6.17
CA ALA A 139 8.97 -17.72 4.96
C ALA A 139 9.55 -16.94 3.78
N ILE A 140 10.25 -17.66 2.90
CA ILE A 140 10.85 -17.08 1.70
C ILE A 140 10.42 -17.77 0.42
N GLN A 141 9.57 -18.79 0.54
N GLN A 141 9.58 -18.79 0.54
CA GLN A 141 9.08 -19.48 -0.65
CA GLN A 141 9.09 -19.50 -0.65
C GLN A 141 7.79 -20.24 -0.34
C GLN A 141 7.78 -20.22 -0.34
N GLY A 142 7.10 -20.67 -1.38
CA GLY A 142 5.86 -21.41 -1.24
C GLY A 142 4.69 -20.47 -0.99
N PRO A 143 3.48 -21.04 -0.90
CA PRO A 143 2.26 -20.25 -0.69
C PRO A 143 2.35 -19.41 0.57
N PHE A 144 1.73 -18.23 0.55
CA PHE A 144 1.76 -17.32 1.70
C PHE A 144 3.18 -16.93 2.09
N SER A 145 3.99 -16.57 1.09
CA SER A 145 5.35 -16.06 1.34
C SER A 145 5.61 -14.71 0.69
N GLY A 146 4.55 -14.07 0.22
CA GLY A 146 4.65 -12.69 -0.28
C GLY A 146 4.50 -11.67 0.84
N VAL A 147 4.43 -10.40 0.47
CA VAL A 147 4.45 -9.32 1.46
C VAL A 147 3.34 -9.41 2.50
N GLY A 148 2.18 -9.92 2.11
CA GLY A 148 1.09 -10.12 3.06
C GLY A 148 1.49 -10.95 4.26
N ALA A 149 2.23 -12.02 4.01
CA ALA A 149 2.74 -12.87 5.08
C ALA A 149 3.97 -12.29 5.76
N THR A 150 4.93 -11.79 4.96
CA THR A 150 6.27 -11.51 5.47
C THR A 150 6.57 -10.05 5.83
N GLY A 151 5.80 -9.11 5.29
CA GLY A 151 6.08 -7.69 5.48
C GLY A 151 7.31 -7.21 4.71
N VAL A 152 7.89 -8.08 3.89
CA VAL A 152 9.00 -7.67 3.04
C VAL A 152 8.48 -6.99 1.78
N ASN A 153 8.78 -5.70 1.64
CA ASN A 153 8.22 -4.92 0.55
C ASN A 153 8.73 -5.39 -0.81
N PRO A 154 7.84 -5.52 -1.79
CA PRO A 154 8.28 -5.97 -3.12
C PRO A 154 9.39 -5.08 -3.70
N THR A 155 9.36 -3.79 -3.38
CA THR A 155 10.37 -2.87 -3.92
C THR A 155 11.74 -3.04 -3.27
N ASP A 156 11.81 -3.81 -2.18
CA ASP A 156 13.06 -4.06 -1.49
C ASP A 156 13.74 -5.36 -1.91
N LEU A 157 13.03 -6.18 -2.68
CA LEU A 157 13.56 -7.49 -3.06
C LEU A 157 14.71 -7.34 -4.04
N PRO A 158 15.74 -8.18 -3.89
CA PRO A 158 16.91 -8.14 -4.77
C PRO A 158 16.51 -8.37 -6.23
N SER A 159 17.28 -7.80 -7.16
CA SER A 159 17.03 -8.04 -8.57
C SER A 159 17.02 -9.55 -8.82
N ILE A 160 16.09 -10.01 -9.64
CA ILE A 160 16.04 -11.40 -10.02
C ILE A 160 17.35 -11.80 -10.68
N ALA A 161 17.87 -12.97 -10.32
CA ALA A 161 19.12 -13.46 -10.88
C ALA A 161 19.12 -13.32 -12.40
N PHE A 162 20.24 -12.87 -12.94
CA PHE A 162 20.33 -12.66 -14.39
C PHE A 162 19.99 -13.93 -15.17
N GLY A 163 20.44 -15.08 -14.69
CA GLY A 163 20.15 -16.34 -15.33
C GLY A 163 18.65 -16.58 -15.47
N ASP A 164 17.90 -16.17 -14.46
CA ASP A 164 16.44 -16.33 -14.49
C ASP A 164 15.76 -15.31 -15.40
N GLN A 165 16.28 -14.08 -15.43
CA GLN A 165 15.72 -13.07 -16.33
C GLN A 165 15.84 -13.54 -17.77
N LEU A 166 16.92 -14.26 -18.07
CA LEU A 166 17.16 -14.78 -19.41
C LEU A 166 16.22 -15.94 -19.70
N LYS A 167 15.92 -16.73 -18.68
CA LYS A 167 14.98 -17.84 -18.81
C LYS A 167 13.53 -17.34 -18.89
N LEU A 168 13.20 -16.35 -18.08
CA LEU A 168 11.86 -15.74 -18.10
C LEU A 168 11.61 -15.06 -19.44
N LEU A 169 12.65 -14.50 -20.03
CA LEU A 169 12.54 -13.85 -21.32
C LEU A 169 12.25 -14.87 -22.42
N ASN A 170 12.88 -16.03 -22.30
CA ASN A 170 12.71 -17.09 -23.28
C ASN A 170 11.51 -17.95 -22.96
N LYS A 171 10.67 -17.49 -22.05
CA LYS A 171 9.45 -18.18 -21.66
C LYS A 171 9.71 -19.62 -21.23
N ASP A 172 10.79 -19.85 -20.50
CA ASP A 172 11.11 -21.18 -20.00
C ASP A 172 10.09 -21.65 -18.96
N PRO A 173 9.35 -22.71 -19.28
CA PRO A 173 8.30 -23.25 -18.40
C PRO A 173 8.70 -23.33 -16.93
N ALA A 174 9.82 -23.99 -16.63
CA ALA A 174 10.26 -24.18 -15.25
C ALA A 174 10.46 -22.85 -14.52
N THR A 175 11.03 -21.88 -15.21
CA THR A 175 11.34 -20.59 -14.59
C THR A 175 10.08 -19.72 -14.46
N VAL A 176 9.20 -19.79 -15.45
CA VAL A 176 7.94 -19.07 -15.37
C VAL A 176 7.16 -19.54 -14.15
N THR A 177 7.06 -20.85 -13.98
CA THR A 177 6.39 -21.43 -12.81
C THR A 177 7.00 -20.90 -11.52
N LYS A 178 8.32 -20.82 -11.50
CA LYS A 178 9.03 -20.35 -10.31
C LYS A 178 8.57 -18.96 -9.89
N TYR A 179 8.21 -18.13 -10.85
CA TYR A 179 7.82 -16.75 -10.56
C TYR A 179 6.32 -16.47 -10.66
N SER A 180 5.53 -17.55 -10.73
CA SER A 180 4.07 -17.40 -10.88
C SER A 180 3.29 -17.83 -9.63
N ASN A 181 1.97 -17.81 -9.75
CA ASN A 181 1.09 -18.29 -8.70
C ASN A 181 1.59 -19.64 -8.19
N PRO A 182 1.69 -19.79 -6.88
CA PRO A 182 2.19 -21.07 -6.35
C PRO A 182 1.14 -22.16 -6.25
N LEU A 183 -0.14 -21.80 -6.26
CA LEU A 183 -1.18 -22.80 -6.03
C LEU A 183 -1.79 -23.29 -7.34
N GLY A 184 -1.96 -24.60 -7.45
CA GLY A 184 -2.70 -25.16 -8.55
C GLY A 184 -4.12 -25.41 -8.07
N ASP A 185 -4.29 -26.51 -7.36
CA ASP A 185 -5.60 -26.87 -6.82
C ASP A 185 -5.84 -26.08 -5.55
N LEU A 186 -6.72 -25.09 -5.64
CA LEU A 186 -7.03 -24.22 -4.51
C LEU A 186 -7.70 -24.94 -3.35
N GLY A 187 -8.66 -25.81 -3.65
CA GLY A 187 -9.38 -26.54 -2.62
C GLY A 187 -8.47 -27.51 -1.90
N ALA A 188 -7.57 -28.15 -2.65
CA ALA A 188 -6.58 -29.05 -2.06
C ALA A 188 -5.69 -28.29 -1.08
N TYR A 189 -5.31 -27.06 -1.43
CA TYR A 189 -4.53 -26.24 -0.50
C TYR A 189 -5.27 -25.99 0.81
N LEU A 190 -6.53 -25.56 0.72
CA LEU A 190 -7.32 -25.28 1.91
C LEU A 190 -7.55 -26.55 2.74
N SER A 191 -7.71 -27.67 2.05
CA SER A 191 -8.01 -28.94 2.74
C SER A 191 -6.83 -29.39 3.61
N GLN A 192 -5.64 -28.86 3.32
CA GLN A 192 -4.46 -29.22 4.11
C GLN A 192 -4.15 -28.23 5.25
N LEU A 193 -5.01 -27.24 5.45
CA LEU A 193 -4.87 -26.31 6.57
C LEU A 193 -5.88 -26.57 7.66
N SER A 194 -5.41 -26.58 8.91
CA SER A 194 -6.31 -26.65 10.05
C SER A 194 -7.03 -25.33 10.23
N PRO A 195 -8.17 -25.36 10.94
CA PRO A 195 -8.82 -24.10 11.28
C PRO A 195 -7.85 -23.14 11.96
N GLN A 196 -6.99 -23.66 12.83
CA GLN A 196 -6.01 -22.83 13.53
C GLN A 196 -4.98 -22.24 12.57
N ASP A 197 -4.52 -23.05 11.61
CA ASP A 197 -3.59 -22.54 10.58
C ASP A 197 -4.22 -21.35 9.89
N LYS A 198 -5.50 -21.48 9.56
CA LYS A 198 -6.20 -20.42 8.81
C LYS A 198 -6.31 -19.14 9.62
N LEU A 199 -6.73 -19.24 10.87
CA LEU A 199 -6.82 -18.08 11.75
C LEU A 199 -5.43 -17.46 11.92
N ASN A 200 -4.41 -18.31 11.97
CA ASN A 200 -3.04 -17.81 12.11
C ASN A 200 -2.63 -16.97 10.90
N GLN A 201 -2.96 -17.45 9.71
CA GLN A 201 -2.65 -16.70 8.49
C GLN A 201 -3.36 -15.36 8.50
N ALA A 202 -4.64 -15.38 8.85
CA ALA A 202 -5.43 -14.16 8.87
C ALA A 202 -4.85 -13.15 9.85
N GLN A 203 -4.50 -13.61 11.04
CA GLN A 203 -3.93 -12.74 12.07
C GLN A 203 -2.55 -12.21 11.63
N THR A 204 -1.76 -13.09 11.01
CA THR A 204 -0.45 -12.68 10.51
C THR A 204 -0.62 -11.56 9.49
N LEU A 205 -1.58 -11.74 8.59
CA LEU A 205 -1.84 -10.73 7.55
C LEU A 205 -2.26 -9.37 8.13
N VAL A 206 -3.24 -9.35 9.01
CA VAL A 206 -3.82 -8.08 9.43
C VAL A 206 -3.15 -7.45 10.64
N GLY A 207 -2.43 -8.26 11.40
CA GLY A 207 -1.89 -7.81 12.67
C GLY A 207 -0.59 -7.05 12.54
N GLN A 208 0.16 -7.32 11.47
CA GLN A 208 1.45 -6.67 11.33
C GLN A 208 1.32 -5.25 10.77
N PRO A 209 2.31 -4.40 11.03
CA PRO A 209 2.28 -3.04 10.47
C PRO A 209 2.28 -3.07 8.95
N ILE A 210 1.64 -2.08 8.34
CA ILE A 210 1.77 -1.92 6.90
C ILE A 210 3.23 -1.79 6.47
N SER A 211 3.54 -2.42 5.35
CA SER A 211 4.80 -2.21 4.64
C SER A 211 4.59 -1.00 3.75
N THR A 212 5.12 0.13 4.17
CA THR A 212 4.81 1.39 3.51
C THR A 212 6.07 2.04 2.97
N LEU A 213 5.92 2.69 1.82
CA LEU A 213 7.01 3.47 1.24
C LEU A 213 7.12 4.85 1.86
N PHE A 214 6.20 5.22 2.75
CA PHE A 214 6.21 6.55 3.36
C PHE A 214 6.04 6.50 4.88
N PRO A 215 6.92 5.73 5.56
CA PRO A 215 6.69 5.50 6.99
C PRO A 215 6.68 6.79 7.81
N ASP A 216 7.47 7.79 7.45
CA ASP A 216 7.51 8.98 8.28
C ASP A 216 6.37 9.98 8.04
N ALA A 217 5.47 9.64 7.11
CA ALA A 217 4.27 10.46 6.94
C ALA A 217 3.31 10.23 8.10
N TYR A 218 3.50 9.12 8.82
CA TYR A 218 2.70 8.80 9.99
C TYR A 218 3.32 9.45 11.22
N PRO A 219 2.48 9.78 12.22
CA PRO A 219 3.00 10.49 13.40
C PRO A 219 3.88 9.60 14.28
N GLY A 220 3.63 8.30 14.26
CA GLY A 220 4.44 7.35 15.01
C GLY A 220 4.79 6.18 14.10
N ASN A 221 4.81 4.96 14.65
CA ASN A 221 5.05 3.78 13.84
C ASN A 221 3.89 3.55 12.87
N PRO A 222 4.13 2.79 11.79
CA PRO A 222 3.06 2.60 10.81
C PRO A 222 1.88 1.85 11.43
N PRO A 223 0.65 2.17 10.98
CA PRO A 223 -0.54 1.47 11.49
C PRO A 223 -0.57 0.01 11.06
N SER A 224 -1.32 -0.80 11.79
CA SER A 224 -1.55 -2.19 11.38
C SER A 224 -2.34 -2.25 10.05
N ARG A 225 -2.17 -3.35 9.32
CA ARG A 225 -3.04 -3.61 8.16
C ARG A 225 -4.52 -3.51 8.57
N ALA A 226 -4.86 -4.11 9.71
CA ALA A 226 -6.23 -4.10 10.20
C ALA A 226 -6.81 -2.70 10.28
N LYS A 227 -6.05 -1.78 10.85
CA LYS A 227 -6.51 -0.41 10.97
C LYS A 227 -6.77 0.23 9.61
N VAL A 228 -5.87 0.01 8.65
CA VAL A 228 -6.06 0.56 7.31
C VAL A 228 -7.29 -0.07 6.62
N MET A 229 -7.45 -1.37 6.80
N MET A 229 -7.46 -1.37 6.81
CA MET A 229 -8.59 -2.10 6.22
CA MET A 229 -8.59 -2.08 6.21
C MET A 229 -9.89 -1.56 6.79
C MET A 229 -9.91 -1.60 6.79
N SER A 230 -9.93 -1.33 8.09
CA SER A 230 -11.11 -0.74 8.71
C SER A 230 -11.41 0.65 8.15
N ALA A 231 -10.38 1.48 8.01
CA ALA A 231 -10.56 2.80 7.41
C ALA A 231 -11.14 2.70 6.00
N ALA A 232 -10.62 1.76 5.21
CA ALA A 232 -11.10 1.60 3.85
C ALA A 232 -12.54 1.07 3.85
N ALA A 233 -12.84 0.15 4.76
CA ALA A 233 -14.19 -0.39 4.90
C ALA A 233 -15.17 0.74 5.17
N ARG A 234 -14.82 1.64 6.07
CA ARG A 234 -15.72 2.75 6.37
C ARG A 234 -15.88 3.70 5.19
N LYS A 235 -14.79 3.98 4.50
CA LYS A 235 -14.85 4.90 3.36
C LYS A 235 -15.72 4.34 2.21
N TYR A 236 -15.65 3.04 1.98
CA TYR A 236 -16.29 2.41 0.81
C TYR A 236 -17.51 1.56 1.15
N ASP A 237 -18.04 1.69 2.35
CA ASP A 237 -19.16 0.86 2.80
C ASP A 237 -18.89 -0.61 2.55
N LEU A 238 -17.71 -1.04 2.96
CA LEU A 238 -17.40 -2.46 3.00
C LEU A 238 -17.17 -2.90 4.45
N THR A 239 -16.52 -4.05 4.65
CA THR A 239 -16.09 -4.47 5.97
C THR A 239 -14.65 -4.94 5.88
N PRO A 240 -13.91 -4.91 7.01
CA PRO A 240 -12.56 -5.45 6.98
C PRO A 240 -12.55 -6.95 6.69
N GLN A 241 -13.65 -7.64 7.01
CA GLN A 241 -13.73 -9.07 6.78
C GLN A 241 -13.76 -9.36 5.27
N LEU A 242 -14.48 -8.55 4.52
CA LEU A 242 -14.57 -8.76 3.07
C LEU A 242 -13.26 -8.36 2.40
N ILE A 243 -12.74 -7.19 2.78
CA ILE A 243 -11.47 -6.75 2.22
C ILE A 243 -10.36 -7.74 2.56
N GLY A 244 -10.35 -8.20 3.81
CA GLY A 244 -9.38 -9.17 4.25
C GLY A 244 -9.49 -10.50 3.51
N ALA A 245 -10.72 -10.94 3.25
CA ALA A 245 -10.91 -12.20 2.52
C ALA A 245 -10.30 -12.14 1.11
N ILE A 246 -10.55 -11.04 0.41
CA ILE A 246 -10.00 -10.85 -0.93
C ILE A 246 -8.47 -10.87 -0.88
N ILE A 247 -7.91 -10.11 0.07
CA ILE A 247 -6.45 -10.03 0.21
C ILE A 247 -5.82 -11.34 0.68
N LEU A 248 -6.42 -12.01 1.67
CA LEU A 248 -5.87 -13.28 2.16
C LEU A 248 -5.86 -14.33 1.04
N ALA A 249 -6.92 -14.37 0.24
CA ALA A 249 -6.92 -15.27 -0.91
C ALA A 249 -5.74 -14.97 -1.85
N GLU A 250 -5.52 -13.69 -2.17
CA GLU A 250 -4.44 -13.37 -3.08
C GLU A 250 -3.11 -13.76 -2.47
N GLN A 251 -2.96 -13.51 -1.17
CA GLN A 251 -1.67 -13.70 -0.51
C GLN A 251 -1.34 -15.17 -0.28
N ARG A 252 -2.36 -15.99 -0.07
CA ARG A 252 -2.13 -17.43 -0.05
C ARG A 252 -1.54 -17.87 -1.38
N ASP A 253 -2.09 -17.32 -2.46
CA ASP A 253 -1.63 -17.63 -3.81
C ASP A 253 -0.53 -16.66 -4.25
N GLN A 254 0.43 -16.41 -3.37
CA GLN A 254 1.51 -15.47 -3.66
C GLN A 254 2.80 -15.93 -3.01
N THR A 255 3.93 -15.67 -3.67
CA THR A 255 5.24 -15.98 -3.11
C THR A 255 6.14 -14.76 -3.16
N ARG A 256 7.25 -14.85 -2.44
CA ARG A 256 8.30 -13.83 -2.49
C ARG A 256 8.81 -13.63 -3.92
N ASP A 257 9.11 -14.72 -4.62
CA ASP A 257 9.58 -14.62 -5.99
C ASP A 257 8.56 -13.98 -6.93
N GLU A 258 7.28 -14.28 -6.71
CA GLU A 258 6.23 -13.66 -7.52
C GLU A 258 6.19 -12.15 -7.29
N ASP A 259 6.35 -11.73 -6.03
CA ASP A 259 6.41 -10.31 -5.67
C ASP A 259 7.55 -9.62 -6.43
N ALA A 260 8.72 -10.27 -6.46
CA ALA A 260 9.87 -9.68 -7.13
C ALA A 260 9.58 -9.48 -8.61
N LYS A 261 9.00 -10.48 -9.24
N LYS A 261 8.99 -10.48 -9.23
CA LYS A 261 8.65 -10.39 -10.65
CA LYS A 261 8.64 -10.41 -10.64
C LYS A 261 7.61 -9.30 -10.85
C LYS A 261 7.58 -9.35 -10.88
N ASP A 262 6.56 -9.32 -10.04
CA ASP A 262 5.48 -8.34 -10.17
C ASP A 262 6.03 -6.93 -10.25
N TYR A 263 6.90 -6.61 -9.32
CA TYR A 263 7.37 -5.24 -9.26
C TYR A 263 8.43 -4.95 -10.32
N GLN A 264 9.43 -5.82 -10.39
CA GLN A 264 10.55 -5.58 -11.31
C GLN A 264 10.11 -5.51 -12.78
N ALA A 265 9.18 -6.37 -13.17
CA ALA A 265 8.67 -6.35 -14.55
C ALA A 265 7.91 -5.06 -14.83
N ALA A 266 7.20 -4.54 -13.82
CA ALA A 266 6.37 -3.37 -14.01
C ALA A 266 7.21 -2.13 -14.22
N VAL A 267 8.39 -2.07 -13.61
CA VAL A 267 9.21 -0.86 -13.73
C VAL A 267 10.43 -1.07 -14.61
N SER A 268 10.50 -2.23 -15.26
CA SER A 268 11.55 -2.50 -16.24
C SER A 268 11.29 -1.68 -17.50
N ILE A 269 12.22 -1.71 -18.44
CA ILE A 269 12.02 -1.00 -19.70
C ILE A 269 10.77 -1.48 -20.43
N LYS A 270 10.33 -2.70 -20.08
CA LYS A 270 9.12 -3.27 -20.67
C LYS A 270 7.81 -2.71 -20.11
N SER A 271 7.87 -2.16 -18.90
CA SER A 271 6.67 -1.60 -18.28
C SER A 271 5.51 -2.57 -18.34
N ALA A 272 5.76 -3.80 -17.88
CA ALA A 272 4.76 -4.86 -17.87
C ALA A 272 3.54 -4.49 -17.02
N ASN A 273 2.38 -4.99 -17.43
CA ASN A 273 1.13 -4.72 -16.71
C ASN A 273 0.85 -5.83 -15.70
N THR A 274 1.61 -5.84 -14.62
CA THR A 274 1.52 -6.90 -13.64
C THR A 274 0.49 -6.58 -12.57
N SER A 275 0.12 -7.61 -11.82
CA SER A 275 -0.67 -7.42 -10.60
C SER A 275 0.30 -7.25 -9.44
N ILE A 276 0.07 -6.24 -8.61
CA ILE A 276 1.02 -5.88 -7.57
C ILE A 276 0.44 -5.85 -6.16
N GLY A 277 1.20 -6.35 -5.19
CA GLY A 277 0.94 -6.08 -3.78
C GLY A 277 -0.21 -6.87 -3.16
N LEU A 278 -0.70 -6.37 -2.03
CA LEU A 278 -1.60 -7.13 -1.17
C LEU A 278 -2.82 -7.66 -1.92
N GLY A 279 -3.56 -6.77 -2.58
CA GLY A 279 -4.74 -7.18 -3.32
C GLY A 279 -4.48 -7.62 -4.75
N GLN A 280 -3.20 -7.71 -5.13
CA GLN A 280 -2.86 -8.06 -6.52
C GLN A 280 -3.62 -7.18 -7.52
N VAL A 281 -3.56 -5.88 -7.27
CA VAL A 281 -4.17 -4.89 -8.13
C VAL A 281 -3.32 -4.75 -9.38
N VAL A 282 -3.97 -4.84 -10.53
CA VAL A 282 -3.27 -4.70 -11.80
C VAL A 282 -2.99 -3.20 -12.08
N VAL A 283 -1.78 -2.89 -12.55
CA VAL A 283 -1.39 -1.51 -12.77
C VAL A 283 -2.43 -0.79 -13.64
N SER A 284 -2.86 -1.43 -14.73
CA SER A 284 -3.85 -0.82 -15.61
C SER A 284 -5.17 -0.51 -14.90
N THR A 285 -5.58 -1.38 -13.98
CA THR A 285 -6.82 -1.16 -13.25
C THR A 285 -6.71 0.07 -12.34
N ALA A 286 -5.54 0.21 -11.72
CA ALA A 286 -5.30 1.34 -10.83
C ALA A 286 -5.36 2.65 -11.60
N ILE A 287 -4.93 2.62 -12.87
CA ILE A 287 -4.93 3.83 -13.69
C ILE A 287 -6.32 4.08 -14.30
N LYS A 288 -6.91 3.04 -14.88
CA LYS A 288 -8.26 3.14 -15.46
C LYS A 288 -9.28 3.69 -14.46
N TYR A 289 -9.22 3.21 -13.22
CA TYR A 289 -10.25 3.55 -12.24
C TYR A 289 -9.78 4.50 -11.15
N GLU A 290 -8.61 5.11 -11.38
CA GLU A 290 -8.11 6.16 -10.49
C GLU A 290 -8.21 5.71 -9.03
N LEU A 291 -7.60 4.56 -8.76
CA LEU A 291 -7.85 3.89 -7.47
C LEU A 291 -7.24 4.57 -6.24
N PHE A 292 -6.39 5.59 -6.43
CA PHE A 292 -5.81 6.32 -5.30
C PHE A 292 -6.58 7.59 -4.97
N THR A 293 -7.74 7.77 -5.61
CA THR A 293 -8.52 8.99 -5.49
C THR A 293 -8.69 9.51 -4.06
N ASP A 294 -8.88 8.61 -3.10
CA ASP A 294 -9.20 9.07 -1.76
C ASP A 294 -8.00 9.25 -0.84
N LEU A 295 -6.81 8.95 -1.36
CA LEU A 295 -5.57 9.21 -0.62
C LEU A 295 -4.74 10.34 -1.21
N LEU A 296 -4.91 10.62 -2.50
CA LEU A 296 -4.10 11.64 -3.19
C LEU A 296 -4.98 12.60 -3.96
N GLY A 297 -4.66 13.88 -3.89
CA GLY A 297 -5.40 14.89 -4.61
C GLY A 297 -5.17 14.82 -6.11
N GLN A 298 -6.05 15.47 -6.87
CA GLN A 298 -5.98 15.47 -8.33
C GLN A 298 -4.64 15.98 -8.88
N PRO A 299 -4.11 17.08 -8.31
CA PRO A 299 -2.82 17.58 -8.77
C PRO A 299 -1.72 16.53 -8.69
N VAL A 300 -1.67 15.78 -7.60
CA VAL A 300 -0.67 14.72 -7.47
C VAL A 300 -0.93 13.59 -8.44
N ARG A 301 -2.18 13.14 -8.50
CA ARG A 301 -2.52 12.01 -9.34
C ARG A 301 -2.26 12.27 -10.83
N ARG A 302 -2.58 13.48 -11.28
CA ARG A 302 -2.38 13.83 -12.68
C ARG A 302 -0.93 13.65 -13.13
N GLY A 303 0.01 13.91 -12.22
CA GLY A 303 1.42 13.83 -12.56
C GLY A 303 2.07 12.47 -12.44
N LEU A 304 1.38 11.48 -11.86
CA LEU A 304 2.00 10.20 -11.60
C LEU A 304 2.29 9.44 -12.87
N SER A 305 3.51 8.94 -13.01
CA SER A 305 3.84 8.08 -14.13
C SER A 305 3.31 6.67 -13.87
N ARG A 306 3.29 5.84 -14.90
CA ARG A 306 2.84 4.46 -14.78
C ARG A 306 3.69 3.72 -13.74
N LYS A 307 5.00 3.96 -13.78
CA LYS A 307 5.91 3.31 -12.83
C LYS A 307 5.73 3.82 -11.40
N ALA A 308 5.40 5.11 -11.25
CA ALA A 308 5.04 5.64 -9.94
C ALA A 308 3.79 4.94 -9.39
N VAL A 309 2.79 4.74 -10.26
CA VAL A 309 1.59 4.01 -9.86
C VAL A 309 1.93 2.58 -9.41
N ALA A 310 2.73 1.87 -10.20
CA ALA A 310 3.15 0.51 -9.82
C ALA A 310 3.84 0.53 -8.46
N THR A 311 4.64 1.56 -8.23
CA THR A 311 5.40 1.65 -7.01
C THR A 311 4.45 1.90 -5.82
N LEU A 312 3.46 2.76 -6.02
CA LEU A 312 2.47 3.01 -4.98
C LEU A 312 1.67 1.76 -4.63
N LEU A 313 1.38 0.93 -5.62
CA LEU A 313 0.70 -0.34 -5.35
C LEU A 313 1.51 -1.26 -4.45
N ALA A 314 2.82 -1.04 -4.38
CA ALA A 314 3.67 -1.82 -3.48
C ALA A 314 3.69 -1.25 -2.07
N SER A 315 3.02 -0.12 -1.86
CA SER A 315 2.87 0.47 -0.53
C SER A 315 1.52 -0.01 0.03
N ASP A 316 1.56 -0.72 1.16
CA ASP A 316 0.38 -1.46 1.62
C ASP A 316 -0.87 -0.60 1.80
N GLU A 317 -0.74 0.63 2.31
CA GLU A 317 -1.94 1.43 2.54
C GLU A 317 -2.57 1.87 1.21
N PHE A 318 -1.74 2.25 0.25
CA PHE A 318 -2.26 2.61 -1.07
C PHE A 318 -2.90 1.38 -1.70
N ASN A 319 -2.31 0.21 -1.48
CA ASN A 319 -2.83 -1.00 -2.08
C ASN A 319 -4.19 -1.39 -1.46
N ILE A 320 -4.28 -1.29 -0.13
CA ILE A 320 -5.52 -1.59 0.55
C ILE A 320 -6.65 -0.66 0.10
N PHE A 321 -6.36 0.64 0.00
CA PHE A 321 -7.37 1.57 -0.48
C PHE A 321 -7.74 1.31 -1.94
N ALA A 322 -6.75 1.00 -2.76
CA ALA A 322 -7.04 0.66 -4.16
C ALA A 322 -7.93 -0.58 -4.28
N THR A 323 -7.56 -1.61 -3.53
CA THR A 323 -8.30 -2.88 -3.52
C THR A 323 -9.75 -2.62 -3.09
N ALA A 324 -9.92 -1.90 -1.98
CA ALA A 324 -11.25 -1.61 -1.45
C ALA A 324 -12.08 -0.74 -2.41
N ARG A 325 -11.45 0.29 -2.98
CA ARG A 325 -12.19 1.17 -3.88
C ARG A 325 -12.65 0.35 -5.08
N TYR A 326 -11.81 -0.55 -5.57
CA TYR A 326 -12.20 -1.38 -6.72
C TYR A 326 -13.30 -2.37 -6.35
N ILE A 327 -13.22 -2.97 -5.16
CA ILE A 327 -14.30 -3.84 -4.70
C ILE A 327 -15.63 -3.08 -4.71
N ARG A 328 -15.62 -1.85 -4.20
CA ARG A 328 -16.84 -1.07 -4.17
C ARG A 328 -17.29 -0.69 -5.60
N TYR A 329 -16.34 -0.39 -6.49
CA TYR A 329 -16.69 -0.20 -7.90
C TYR A 329 -17.41 -1.45 -8.47
N VAL A 330 -16.87 -2.63 -8.21
CA VAL A 330 -17.46 -3.86 -8.71
C VAL A 330 -18.86 -4.09 -8.11
N ALA A 331 -19.01 -3.81 -6.82
CA ALA A 331 -20.30 -4.00 -6.17
C ALA A 331 -21.33 -2.99 -6.69
N ASN A 332 -20.90 -1.74 -6.83
CA ASN A 332 -21.77 -0.72 -7.39
C ASN A 332 -22.22 -1.11 -8.80
N LEU A 333 -21.28 -1.56 -9.63
CA LEU A 333 -21.60 -1.99 -10.99
C LEU A 333 -22.61 -3.15 -10.94
N ALA A 334 -22.43 -4.07 -10.00
CA ALA A 334 -23.34 -5.20 -9.87
C ALA A 334 -24.76 -4.70 -9.62
N SER A 335 -24.87 -3.69 -8.77
CA SER A 335 -26.18 -3.19 -8.35
C SER A 335 -26.93 -2.53 -9.50
N GLN A 336 -26.21 -2.22 -10.58
CA GLN A 336 -26.80 -1.60 -11.76
C GLN A 336 -27.22 -2.61 -12.83
N GLN A 337 -27.00 -3.90 -12.56
CA GLN A 337 -27.23 -4.94 -13.57
C GLN A 337 -28.66 -5.48 -13.53
N ASP A 338 -29.04 -6.14 -14.61
CA ASP A 338 -30.31 -6.88 -14.68
C ASP A 338 -29.99 -8.38 -14.59
N LEU A 339 -30.40 -9.00 -13.50
CA LEU A 339 -30.04 -10.41 -13.26
C LEU A 339 -30.51 -11.32 -14.41
N ARG A 340 -31.59 -10.93 -15.09
CA ARG A 340 -32.07 -11.70 -16.24
C ARG A 340 -31.03 -11.76 -17.36
N LYS A 341 -30.12 -10.80 -17.37
CA LYS A 341 -29.08 -10.76 -18.39
C LYS A 341 -27.80 -11.47 -17.93
N LEU A 342 -27.84 -12.03 -16.73
CA LEU A 342 -26.70 -12.77 -16.18
C LEU A 342 -27.11 -14.18 -15.77
N PRO A 343 -27.60 -14.96 -16.73
CA PRO A 343 -28.09 -16.31 -16.39
C PRO A 343 -27.00 -17.26 -15.88
N LYS A 344 -25.77 -17.14 -16.34
CA LYS A 344 -24.73 -18.02 -15.80
C LYS A 344 -24.40 -17.66 -14.35
N THR A 345 -24.39 -16.36 -14.06
CA THR A 345 -24.13 -15.92 -12.71
C THR A 345 -25.23 -16.35 -11.74
N ARG A 346 -26.48 -16.15 -12.15
CA ARG A 346 -27.63 -16.61 -11.37
C ARG A 346 -27.60 -18.13 -11.18
N GLY A 347 -27.21 -18.85 -12.21
CA GLY A 347 -27.14 -20.31 -12.10
C GLY A 347 -26.13 -20.76 -11.04
N ALA A 348 -24.96 -20.13 -11.07
CA ALA A 348 -23.87 -20.51 -10.17
C ALA A 348 -24.11 -20.02 -8.74
N PHE A 349 -24.76 -18.86 -8.61
CA PHE A 349 -24.93 -18.20 -7.32
C PHE A 349 -26.39 -17.81 -7.17
N PRO A 350 -27.26 -18.80 -6.90
CA PRO A 350 -28.69 -18.58 -6.99
C PRO A 350 -29.27 -17.63 -5.94
N SER A 351 -28.54 -17.40 -4.83
CA SER A 351 -29.00 -16.46 -3.82
C SER A 351 -28.43 -15.05 -4.00
N ILE A 352 -27.79 -14.81 -5.13
CA ILE A 352 -27.24 -13.47 -5.39
C ILE A 352 -28.36 -12.41 -5.34
N ASP A 353 -28.05 -11.29 -4.70
CA ASP A 353 -29.00 -10.20 -4.51
C ASP A 353 -28.33 -8.92 -5.01
N LEU A 354 -28.68 -8.49 -6.22
CA LEU A 354 -27.96 -7.38 -6.86
C LEU A 354 -28.15 -6.08 -6.10
N ARG A 355 -29.36 -5.83 -5.62
CA ARG A 355 -29.64 -4.61 -4.87
C ARG A 355 -28.82 -4.53 -3.59
N ALA A 356 -28.60 -5.67 -2.93
CA ALA A 356 -27.88 -5.70 -1.67
C ALA A 356 -26.44 -5.21 -1.85
N TYR A 357 -25.90 -5.38 -3.05
CA TYR A 357 -24.54 -4.94 -3.32
C TYR A 357 -24.32 -3.46 -3.08
N ALA A 358 -25.38 -2.67 -3.18
CA ALA A 358 -25.23 -1.22 -3.00
C ALA A 358 -24.96 -0.87 -1.53
N GLY A 359 -25.29 -1.80 -0.64
CA GLY A 359 -25.08 -1.60 0.79
C GLY A 359 -23.91 -2.39 1.36
N ASN A 360 -23.90 -2.54 2.68
CA ASN A 360 -22.75 -3.10 3.40
C ASN A 360 -22.73 -4.61 3.32
N PRO A 361 -21.52 -5.21 3.22
CA PRO A 361 -21.38 -6.67 3.18
C PRO A 361 -22.01 -7.43 4.35
N ARG A 362 -22.19 -6.78 5.49
N ARG A 362 -22.19 -6.78 5.49
CA ARG A 362 -22.82 -7.44 6.64
CA ARG A 362 -22.80 -7.46 6.64
C ARG A 362 -24.21 -7.92 6.24
C ARG A 362 -24.23 -7.88 6.28
N ASN A 363 -24.81 -7.23 5.28
CA ASN A 363 -26.15 -7.57 4.81
C ASN A 363 -26.18 -8.27 3.43
N TRP A 364 -25.03 -8.72 2.96
CA TRP A 364 -24.99 -9.46 1.69
C TRP A 364 -25.22 -10.94 1.95
N PRO A 365 -25.96 -11.61 1.05
CA PRO A 365 -25.94 -13.07 1.08
C PRO A 365 -24.53 -13.59 0.77
N ARG A 366 -24.18 -14.77 1.23
CA ARG A 366 -22.85 -15.32 0.94
C ARG A 366 -22.59 -15.47 -0.56
N ASP A 367 -23.65 -15.74 -1.32
CA ASP A 367 -23.49 -15.81 -2.77
C ASP A 367 -23.01 -14.48 -3.35
N ASN A 368 -23.29 -13.36 -2.69
CA ASN A 368 -22.77 -12.07 -3.18
C ASN A 368 -21.26 -12.00 -3.02
N VAL A 369 -20.76 -12.57 -1.92
CA VAL A 369 -19.32 -12.61 -1.69
C VAL A 369 -18.66 -13.52 -2.75
N ARG A 370 -19.26 -14.69 -2.97
CA ARG A 370 -18.73 -15.61 -3.96
C ARG A 370 -18.70 -15.00 -5.35
N ALA A 371 -19.81 -14.37 -5.77
CA ALA A 371 -19.87 -13.83 -7.12
C ALA A 371 -18.91 -12.66 -7.27
N LEU A 372 -18.81 -11.83 -6.24
CA LEU A 372 -17.89 -10.70 -6.31
C LEU A 372 -16.44 -11.19 -6.41
N ALA A 373 -16.12 -12.29 -5.71
CA ALA A 373 -14.79 -12.85 -5.81
C ALA A 373 -14.47 -13.20 -7.26
N SER A 374 -15.41 -13.86 -7.94
CA SER A 374 -15.24 -14.13 -9.37
C SER A 374 -15.00 -12.84 -10.16
N GLU A 375 -15.77 -11.80 -9.84
CA GLU A 375 -15.81 -10.61 -10.66
C GLU A 375 -14.81 -9.55 -10.19
N TYR A 376 -14.00 -9.92 -9.21
CA TYR A 376 -12.82 -9.13 -8.81
C TYR A 376 -11.62 -9.62 -9.61
N THR A 377 -11.49 -10.92 -9.74
CA THR A 377 -10.34 -11.48 -10.43
C THR A 377 -10.53 -11.47 -11.95
N SER A 378 -11.77 -11.66 -12.39
CA SER A 378 -12.10 -11.62 -13.82
C SER A 378 -12.88 -10.34 -14.16
N ARG A 379 -13.08 -10.09 -15.45
N ARG A 379 -13.09 -10.08 -15.45
CA ARG A 379 -13.85 -8.91 -15.87
CA ARG A 379 -13.84 -8.91 -15.88
C ARG A 379 -15.21 -8.91 -15.19
C ARG A 379 -15.21 -8.91 -15.23
N PRO A 380 -15.65 -7.76 -14.67
CA PRO A 380 -16.89 -7.76 -13.88
C PRO A 380 -18.22 -7.75 -14.62
N TRP A 381 -19.04 -8.75 -14.31
CA TRP A 381 -20.45 -8.84 -14.74
C TRP A 381 -20.61 -9.01 -16.24
N ASP A 382 -19.70 -9.80 -16.81
CA ASP A 382 -19.78 -10.23 -18.21
C ASP A 382 -20.39 -11.63 -18.33
N ASP A 383 -20.88 -12.17 -17.22
CA ASP A 383 -21.46 -13.52 -17.17
C ASP A 383 -20.47 -14.64 -17.46
N ASN A 384 -19.18 -14.33 -17.32
CA ASN A 384 -18.14 -15.34 -17.36
C ASN A 384 -17.52 -15.43 -15.98
N LEU A 385 -17.48 -16.62 -15.41
CA LEU A 385 -17.10 -16.78 -14.02
C LEU A 385 -15.77 -17.48 -13.83
N SER A 386 -15.01 -17.05 -12.83
CA SER A 386 -13.81 -17.75 -12.44
C SER A 386 -14.20 -19.06 -11.76
N PRO A 387 -13.57 -20.17 -12.19
CA PRO A 387 -13.84 -21.53 -11.74
C PRO A 387 -13.78 -21.71 -10.23
N GLY A 388 -12.64 -21.42 -9.62
CA GLY A 388 -12.39 -21.79 -8.23
C GLY A 388 -12.14 -20.65 -7.27
N TRP A 389 -11.95 -19.44 -7.81
CA TRP A 389 -11.69 -18.32 -6.93
C TRP A 389 -12.84 -18.04 -5.95
N PRO A 390 -14.10 -18.20 -6.39
CA PRO A 390 -15.19 -17.91 -5.46
C PRO A 390 -15.19 -18.72 -4.17
N MET A 391 -15.00 -20.03 -4.24
CA MET A 391 -14.95 -20.78 -3.01
C MET A 391 -13.66 -20.54 -2.22
N PHE A 392 -12.59 -20.17 -2.94
CA PHE A 392 -11.31 -19.88 -2.27
C PHE A 392 -11.43 -18.61 -1.41
N VAL A 393 -12.00 -17.56 -1.99
CA VAL A 393 -12.28 -16.36 -1.25
C VAL A 393 -13.34 -16.57 -0.16
N ASP A 394 -14.36 -17.36 -0.47
CA ASP A 394 -15.41 -17.60 0.53
C ASP A 394 -14.88 -18.30 1.79
N ASP A 395 -13.93 -19.21 1.62
CA ASP A 395 -13.30 -19.82 2.78
C ASP A 395 -12.51 -18.81 3.62
N ALA A 396 -11.76 -17.93 2.95
CA ALA A 396 -11.06 -16.89 3.66
C ALA A 396 -12.04 -15.99 4.40
N TYR A 397 -13.18 -15.72 3.77
CA TYR A 397 -14.24 -14.92 4.37
C TYR A 397 -14.77 -15.60 5.64
N ALA A 398 -15.02 -16.91 5.55
CA ALA A 398 -15.46 -17.68 6.72
C ALA A 398 -14.46 -17.54 7.86
N THR A 399 -13.18 -17.62 7.53
CA THR A 399 -12.12 -17.38 8.50
C THR A 399 -12.18 -16.00 9.15
N PHE A 400 -12.34 -14.93 8.36
CA PHE A 400 -12.45 -13.60 8.95
C PHE A 400 -13.70 -13.41 9.79
N LEU A 401 -14.80 -14.07 9.41
CA LEU A 401 -15.99 -14.05 10.25
C LEU A 401 -15.66 -14.77 11.56
N ASP A 402 -14.90 -15.87 11.45
CA ASP A 402 -14.43 -16.64 12.62
C ASP A 402 -13.40 -15.86 13.45
N LEU A 403 -12.47 -15.19 12.77
CA LEU A 403 -11.48 -14.36 13.46
C LEU A 403 -12.19 -13.21 14.14
N GLU A 404 -13.09 -12.58 13.40
CA GLU A 404 -13.89 -11.50 13.94
C GLU A 404 -14.58 -12.05 15.15
N HIS A 405 -14.97 -13.32 15.07
CA HIS A 405 -15.55 -14.00 16.20
C HIS A 405 -14.52 -14.05 17.32
N HIS A 406 -13.36 -14.62 17.04
CA HIS A 406 -12.30 -14.64 18.02
C HIS A 406 -12.08 -13.27 18.60
C1 GOL B . -7.64 -7.73 -9.04
O1 GOL B . -6.78 -8.26 -10.03
C2 GOL B . -8.50 -6.61 -9.61
O2 GOL B . -8.82 -6.86 -10.96
C3 GOL B . -7.75 -5.28 -9.51
O3 GOL B . -6.86 -5.15 -10.59
C1 GOL C . 10.27 1.03 3.49
O1 GOL C . 9.86 2.32 3.14
C2 GOL C . 10.06 0.10 2.31
O2 GOL C . 10.31 -1.23 2.71
C3 GOL C . 11.03 0.49 1.20
O3 GOL C . 12.35 0.36 1.69
C1 GOL D . -15.31 4.62 -11.40
O1 GOL D . -15.46 5.60 -12.41
C2 GOL D . -14.00 4.87 -10.65
O2 GOL D . -14.05 6.12 -9.99
C3 GOL D . -13.85 3.81 -9.58
O3 GOL D . -12.63 4.02 -8.91
CD CD E . 27.72 19.39 12.39
CA CA F . -16.32 -12.28 -15.06
CA CA G . -0.32 -14.48 -7.06
CA CA H . -2.75 17.32 -2.33
CA CA I . -10.62 -8.88 13.19
#